data_6FGX
#
_entry.id   6FGX
#
_cell.length_a   125.862
_cell.length_b   125.862
_cell.length_c   217.879
_cell.angle_alpha   90.00
_cell.angle_beta   90.00
_cell.angle_gamma   90.00
#
_symmetry.space_group_name_H-M   'I 41 2 2'
#
loop_
_entity.id
_entity.type
_entity.pdbx_description
1 polymer 'GTP pyrophosphokinase'
2 non-polymer 'MAGNESIUM ION'
3 non-polymer 'DIPHOSPHOMETHYLPHOSPHONIC ACID ADENOSYL ESTER'
4 water water
#
_entity_poly.entity_id   1
_entity_poly.type   'polypeptide(L)'
_entity_poly.pdbx_seq_one_letter_code
;MGHHHHHHYVDRKPSLYLEDLRHDFKNSLSKFENGDEAFDTLLGFVELDHIYSSALKEISTKLSILDDNFNHIYKHNPIH
HMERRVKEMRSLIEKLNRKGLQISAETAKEHILDIAGIRVVCNYLDDIYLIEEMLLKQEDVQLIKRKDYIQHPKENGYRS
LHIVVSIPVFLAERVEVLPVEIQIRTIGMDMWASLEHKIRYKNNAETEKYRDLLKECATEITEVEDKLQQIHSEITE
;
_entity_poly.pdbx_strand_id   A,B
#
# COMPACT_ATOMS: atom_id res chain seq x y z
N PHE A 39 -25.76 -27.03 -12.94
CA PHE A 39 -26.09 -28.25 -12.23
C PHE A 39 -26.27 -27.92 -10.77
N ASP A 40 -26.33 -28.94 -9.93
CA ASP A 40 -26.44 -28.71 -8.51
C ASP A 40 -25.08 -28.28 -8.02
N THR A 41 -24.04 -28.83 -8.61
CA THR A 41 -22.72 -28.46 -8.23
C THR A 41 -22.50 -26.99 -8.43
N LEU A 42 -22.69 -26.50 -9.63
CA LEU A 42 -22.38 -25.08 -9.78
C LEU A 42 -23.03 -24.24 -8.68
N LEU A 43 -24.27 -24.54 -8.31
CA LEU A 43 -24.88 -23.94 -7.12
C LEU A 43 -23.98 -24.11 -5.90
N GLY A 44 -23.47 -25.32 -5.69
CA GLY A 44 -22.58 -25.56 -4.57
C GLY A 44 -21.38 -24.62 -4.54
N PHE A 45 -20.80 -24.34 -5.72
CA PHE A 45 -19.66 -23.43 -5.77
C PHE A 45 -20.07 -22.00 -5.48
N VAL A 46 -21.27 -21.61 -5.88
CA VAL A 46 -21.78 -20.28 -5.53
C VAL A 46 -21.93 -20.16 -4.03
N GLU A 47 -22.49 -21.20 -3.39
CA GLU A 47 -22.52 -21.26 -1.93
C GLU A 47 -21.12 -21.11 -1.34
N LEU A 48 -20.15 -21.80 -1.94
CA LEU A 48 -18.77 -21.74 -1.47
C LEU A 48 -18.24 -20.30 -1.50
N ASP A 49 -18.45 -19.61 -2.63
CA ASP A 49 -17.97 -18.23 -2.76
C ASP A 49 -18.57 -17.33 -1.69
N HIS A 50 -19.85 -17.54 -1.37
CA HIS A 50 -20.55 -16.67 -0.43
C HIS A 50 -20.00 -16.81 0.98
N ILE A 51 -19.88 -18.05 1.47
CA ILE A 51 -19.49 -18.26 2.86
C ILE A 51 -18.02 -17.93 3.08
N TYR A 52 -17.16 -18.19 2.09
CA TYR A 52 -15.76 -17.85 2.24
C TYR A 52 -15.53 -16.35 2.13
N SER A 53 -16.40 -15.63 1.42
CA SER A 53 -16.35 -14.17 1.45
C SER A 53 -16.65 -13.66 2.85
N SER A 54 -17.63 -14.26 3.53
CA SER A 54 -17.94 -13.88 4.90
C SER A 54 -16.78 -14.19 5.84
N ALA A 55 -16.12 -15.34 5.63
CA ALA A 55 -14.92 -15.66 6.41
C ALA A 55 -13.89 -14.54 6.30
N LEU A 56 -13.68 -14.02 5.09
CA LEU A 56 -12.73 -12.92 4.90
C LEU A 56 -13.13 -11.67 5.68
N LYS A 57 -14.43 -11.46 5.88
CA LYS A 57 -14.87 -10.28 6.62
C LYS A 57 -14.49 -10.38 8.09
N GLU A 58 -14.70 -11.55 8.70
CA GLU A 58 -14.35 -11.72 10.11
C GLU A 58 -12.84 -11.73 10.31
N ILE A 59 -12.08 -12.37 9.41
CA ILE A 59 -10.61 -12.28 9.49
C ILE A 59 -10.16 -10.84 9.41
N SER A 60 -10.71 -10.05 8.47
CA SER A 60 -10.24 -8.69 8.29
C SER A 60 -10.50 -7.82 9.53
N THR A 61 -11.67 -8.01 10.16
CA THR A 61 -11.99 -7.22 11.35
C THR A 61 -11.09 -7.56 12.51
N LYS A 62 -10.82 -8.85 12.72
CA LYS A 62 -9.84 -9.26 13.72
C LYS A 62 -8.50 -8.59 13.48
N LEU A 63 -7.97 -8.74 12.26
CA LEU A 63 -6.63 -8.24 11.96
C LEU A 63 -6.54 -6.74 12.14
N SER A 64 -7.54 -6.00 11.66
CA SER A 64 -7.48 -4.54 11.75
C SER A 64 -7.61 -4.07 13.19
N ILE A 65 -8.37 -4.80 14.01
CA ILE A 65 -8.45 -4.46 15.44
C ILE A 65 -7.10 -4.65 16.11
N LEU A 66 -6.43 -5.78 15.82
CA LEU A 66 -5.10 -6.01 16.36
C LEU A 66 -4.13 -4.91 15.94
N ASP A 67 -4.10 -4.58 14.65
CA ASP A 67 -3.27 -3.49 14.16
C ASP A 67 -3.64 -2.18 14.85
N ASP A 68 -4.94 -1.91 14.98
CA ASP A 68 -5.39 -0.66 15.60
C ASP A 68 -5.01 -0.61 17.07
N ASN A 69 -5.14 -1.73 17.78
CA ASN A 69 -4.82 -1.73 19.21
C ASN A 69 -3.31 -1.67 19.44
N PHE A 70 -2.53 -2.40 18.66
CA PHE A 70 -1.07 -2.33 18.80
C PHE A 70 -0.58 -0.89 18.61
N ASN A 71 -1.12 -0.19 17.62
CA ASN A 71 -0.71 1.19 17.41
C ASN A 71 -1.14 2.06 18.58
N HIS A 72 -2.33 1.81 19.13
CA HIS A 72 -2.79 2.53 20.31
C HIS A 72 -1.79 2.40 21.46
N ILE A 73 -1.26 1.19 21.67
CA ILE A 73 -0.39 0.95 22.82
C ILE A 73 1.04 1.41 22.54
N TYR A 74 1.61 0.97 21.41
CA TYR A 74 3.03 1.15 21.13
C TYR A 74 3.34 2.20 20.09
N LYS A 75 2.33 2.90 19.57
CA LYS A 75 2.52 3.93 18.54
C LYS A 75 3.22 3.37 17.30
N HIS A 76 2.82 2.18 16.87
CA HIS A 76 3.32 1.63 15.61
C HIS A 76 2.25 0.77 14.95
N ASN A 77 2.14 0.88 13.63
CA ASN A 77 1.20 0.09 12.87
C ASN A 77 1.93 -1.09 12.25
N PRO A 78 1.74 -2.33 12.74
CA PRO A 78 2.38 -3.47 12.09
C PRO A 78 1.97 -3.65 10.63
N ILE A 79 0.69 -3.43 10.33
CA ILE A 79 0.14 -3.68 9.00
C ILE A 79 0.24 -2.41 8.15
N HIS A 80 0.82 -2.54 6.96
CA HIS A 80 0.76 -1.46 5.99
C HIS A 80 -0.57 -1.46 5.26
N HIS A 81 -0.94 -2.58 4.65
CA HIS A 81 -2.25 -2.73 4.02
C HIS A 81 -2.55 -4.22 3.90
N MET A 82 -3.79 -4.50 3.49
CA MET A 82 -4.25 -5.87 3.30
C MET A 82 -5.00 -5.99 1.99
N GLU A 83 -4.89 -7.16 1.37
CA GLU A 83 -5.66 -7.49 0.18
C GLU A 83 -6.48 -8.75 0.44
N ARG A 84 -7.75 -8.72 0.03
CA ARG A 84 -8.64 -9.86 0.16
C ARG A 84 -8.97 -10.41 -1.22
N ARG A 85 -9.31 -11.70 -1.25
CA ARG A 85 -9.60 -12.40 -2.49
C ARG A 85 -10.26 -13.75 -2.22
N VAL A 86 -11.42 -13.98 -2.81
CA VAL A 86 -11.98 -15.32 -2.92
C VAL A 86 -11.57 -15.89 -4.26
N LYS A 87 -11.12 -17.14 -4.26
CA LYS A 87 -10.68 -17.79 -5.49
C LYS A 87 -11.76 -17.71 -6.56
N GLU A 88 -11.36 -17.33 -7.76
CA GLU A 88 -12.24 -17.44 -8.91
C GLU A 88 -12.65 -18.89 -9.08
N MET A 89 -13.91 -19.11 -9.44
CA MET A 89 -14.37 -20.48 -9.67
C MET A 89 -13.53 -21.17 -10.73
N ARG A 90 -13.11 -20.42 -11.77
CA ARG A 90 -12.40 -21.06 -12.88
C ARG A 90 -10.96 -21.40 -12.51
N SER A 91 -10.34 -20.63 -11.62
CA SER A 91 -9.04 -21.02 -11.09
C SER A 91 -9.17 -22.13 -10.05
N LEU A 92 -10.28 -22.14 -9.31
CA LEU A 92 -10.55 -23.23 -8.37
C LEU A 92 -10.72 -24.56 -9.11
N ILE A 93 -11.42 -24.54 -10.24
CA ILE A 93 -11.60 -25.76 -11.01
C ILE A 93 -10.27 -26.24 -11.58
N GLU A 94 -9.44 -25.31 -12.04
CA GLU A 94 -8.10 -25.66 -12.52
C GLU A 94 -7.29 -26.35 -11.42
N LYS A 95 -7.27 -25.77 -10.23
CA LYS A 95 -6.48 -26.33 -9.13
C LYS A 95 -6.97 -27.73 -8.74
N LEU A 96 -8.29 -27.92 -8.70
CA LEU A 96 -8.83 -29.24 -8.42
C LEU A 96 -8.35 -30.27 -9.43
N ASN A 97 -8.33 -29.91 -10.71
CA ASN A 97 -7.87 -30.84 -11.74
C ASN A 97 -6.37 -31.06 -11.65
N ARG A 98 -5.61 -30.00 -11.36
CA ARG A 98 -4.16 -30.14 -11.23
C ARG A 98 -3.79 -31.14 -10.14
N LYS A 99 -4.64 -31.27 -9.12
CA LYS A 99 -4.41 -32.21 -8.03
C LYS A 99 -5.23 -33.49 -8.15
N GLY A 100 -5.84 -33.74 -9.31
CA GLY A 100 -6.59 -34.97 -9.52
C GLY A 100 -7.77 -35.15 -8.60
N LEU A 101 -8.40 -34.06 -8.16
CA LEU A 101 -9.52 -34.12 -7.24
C LEU A 101 -10.84 -34.00 -8.01
N GLN A 102 -11.91 -34.43 -7.34
CA GLN A 102 -13.24 -34.33 -7.92
C GLN A 102 -13.65 -32.87 -8.07
N ILE A 103 -14.53 -32.62 -9.05
CA ILE A 103 -15.04 -31.27 -9.31
C ILE A 103 -16.36 -31.17 -8.52
N SER A 104 -16.22 -30.86 -7.24
CA SER A 104 -17.38 -30.66 -6.37
C SER A 104 -17.02 -29.69 -5.26
N ALA A 105 -18.03 -28.98 -4.77
CA ALA A 105 -17.82 -28.02 -3.69
C ALA A 105 -17.41 -28.72 -2.40
N GLU A 106 -17.94 -29.92 -2.15
CA GLU A 106 -17.62 -30.63 -0.91
C GLU A 106 -16.15 -31.06 -0.88
N THR A 107 -15.61 -31.46 -2.04
CA THR A 107 -14.18 -31.75 -2.11
C THR A 107 -13.35 -30.49 -1.94
N ALA A 108 -13.72 -29.41 -2.65
CA ALA A 108 -12.97 -28.17 -2.56
C ALA A 108 -12.91 -27.64 -1.13
N LYS A 109 -14.04 -27.69 -0.41
CA LYS A 109 -14.06 -27.25 0.98
C LYS A 109 -13.05 -28.01 1.82
N GLU A 110 -13.03 -29.33 1.67
CA GLU A 110 -12.06 -30.17 2.38
C GLU A 110 -10.63 -29.87 1.97
N HIS A 111 -10.31 -30.03 0.68
CA HIS A 111 -8.93 -30.15 0.25
C HIS A 111 -8.24 -28.85 -0.15
N ILE A 112 -8.98 -27.82 -0.53
CA ILE A 112 -8.38 -26.55 -0.95
C ILE A 112 -8.52 -25.52 0.17
N LEU A 113 -7.40 -25.08 0.71
CA LEU A 113 -7.37 -24.19 1.87
C LEU A 113 -7.18 -22.72 1.51
N ASP A 114 -6.96 -22.39 0.23
CA ASP A 114 -6.80 -21.00 -0.18
C ASP A 114 -7.99 -20.50 -1.01
N ILE A 115 -9.19 -21.02 -0.71
CA ILE A 115 -10.39 -20.48 -1.32
C ILE A 115 -10.59 -19.03 -0.88
N ALA A 116 -10.51 -18.81 0.43
CA ALA A 116 -10.43 -17.46 0.98
C ALA A 116 -8.95 -17.12 1.19
N GLY A 117 -8.51 -16.02 0.60
CA GLY A 117 -7.14 -15.58 0.81
C GLY A 117 -7.07 -14.14 1.26
N ILE A 118 -6.25 -13.88 2.28
CA ILE A 118 -5.92 -12.53 2.70
C ILE A 118 -4.41 -12.39 2.74
N ARG A 119 -3.92 -11.21 2.36
CA ARG A 119 -2.49 -10.93 2.32
C ARG A 119 -2.21 -9.74 3.22
N VAL A 120 -1.38 -9.95 4.24
CA VAL A 120 -1.08 -8.93 5.24
C VAL A 120 0.32 -8.40 4.94
N VAL A 121 0.38 -7.23 4.34
CA VAL A 121 1.65 -6.58 4.03
C VAL A 121 2.05 -5.71 5.21
N CYS A 122 3.20 -6.02 5.81
CA CYS A 122 3.64 -5.38 7.04
C CYS A 122 4.77 -4.40 6.75
N ASN A 123 4.96 -3.47 7.68
CA ASN A 123 5.91 -2.38 7.49
C ASN A 123 7.35 -2.84 7.72
N TYR A 124 7.56 -3.74 8.68
CA TYR A 124 8.89 -4.23 8.99
C TYR A 124 8.85 -5.74 9.17
N LEU A 125 10.02 -6.38 9.06
CA LEU A 125 10.06 -7.83 9.04
C LEU A 125 9.53 -8.44 10.33
N ASP A 126 9.85 -7.85 11.48
CA ASP A 126 9.41 -8.42 12.74
C ASP A 126 7.90 -8.27 12.94
N ASP A 127 7.27 -7.31 12.26
CA ASP A 127 5.82 -7.19 12.31
C ASP A 127 5.13 -8.46 11.82
N ILE A 128 5.76 -9.19 10.90
CA ILE A 128 5.16 -10.41 10.36
C ILE A 128 4.86 -11.40 11.46
N TYR A 129 5.88 -11.75 12.25
CA TYR A 129 5.70 -12.74 13.30
C TYR A 129 4.90 -12.18 14.47
N LEU A 130 4.89 -10.86 14.64
CA LEU A 130 4.04 -10.24 15.65
C LEU A 130 2.56 -10.45 15.32
N ILE A 131 2.20 -10.25 14.04
CA ILE A 131 0.82 -10.49 13.62
C ILE A 131 0.43 -11.95 13.84
N GLU A 132 1.32 -12.88 13.47
CA GLU A 132 1.03 -14.30 13.67
C GLU A 132 0.75 -14.61 15.14
N GLU A 133 1.65 -14.17 16.03
CA GLU A 133 1.49 -14.44 17.45
C GLU A 133 0.18 -13.86 17.99
N MET A 134 -0.12 -12.60 17.65
CA MET A 134 -1.32 -11.95 18.15
C MET A 134 -2.59 -12.67 17.69
N LEU A 135 -2.59 -13.17 16.45
CA LEU A 135 -3.80 -13.76 15.91
C LEU A 135 -4.03 -15.18 16.41
N LEU A 136 -2.98 -16.00 16.49
CA LEU A 136 -3.17 -17.40 16.87
C LEU A 136 -3.54 -17.56 18.34
N LYS A 137 -3.05 -16.66 19.21
CA LYS A 137 -3.42 -16.71 20.62
C LYS A 137 -4.91 -16.49 20.86
N GLN A 138 -5.66 -16.08 19.85
CA GLN A 138 -7.10 -15.89 20.02
C GLN A 138 -7.80 -17.25 20.07
N GLU A 139 -8.80 -17.34 20.96
CA GLU A 139 -9.44 -18.62 21.26
C GLU A 139 -10.03 -19.29 20.02
N ASP A 140 -10.73 -18.52 19.19
CA ASP A 140 -11.48 -19.10 18.09
C ASP A 140 -10.71 -19.12 16.77
N VAL A 141 -9.40 -18.85 16.79
CA VAL A 141 -8.54 -18.99 15.62
C VAL A 141 -7.64 -20.19 15.85
N GLN A 142 -7.67 -21.15 14.93
CA GLN A 142 -6.92 -22.39 15.06
C GLN A 142 -5.96 -22.52 13.87
N LEU A 143 -4.68 -22.74 14.14
CA LEU A 143 -3.71 -22.99 13.08
C LEU A 143 -4.00 -24.32 12.39
N ILE A 144 -3.89 -24.32 11.05
CA ILE A 144 -4.14 -25.49 10.24
C ILE A 144 -2.92 -25.87 9.40
N LYS A 145 -2.25 -24.89 8.82
CA LYS A 145 -1.10 -25.11 7.97
C LYS A 145 -0.14 -23.94 8.13
N ARG A 146 1.15 -24.24 8.17
CA ARG A 146 2.15 -23.18 8.25
C ARG A 146 3.34 -23.51 7.35
N LYS A 147 3.70 -22.55 6.50
CA LYS A 147 4.88 -22.65 5.64
C LYS A 147 5.62 -21.34 5.73
N ASP A 148 6.86 -21.39 6.25
CA ASP A 148 7.63 -20.17 6.50
C ASP A 148 8.70 -20.05 5.41
N TYR A 149 8.34 -19.35 4.33
CA TYR A 149 9.28 -19.07 3.26
C TYR A 149 10.20 -17.89 3.57
N ILE A 150 10.01 -17.21 4.71
CA ILE A 150 10.98 -16.21 5.13
C ILE A 150 12.23 -16.90 5.66
N GLN A 151 12.06 -17.85 6.58
CA GLN A 151 13.20 -18.59 7.11
C GLN A 151 13.82 -19.51 6.09
N HIS A 152 13.02 -20.07 5.19
CA HIS A 152 13.50 -21.00 4.16
C HIS A 152 12.98 -20.53 2.81
N PRO A 153 13.57 -19.49 2.24
CA PRO A 153 13.11 -18.96 0.95
C PRO A 153 13.09 -20.03 -0.14
N LYS A 154 12.22 -19.81 -1.12
CA LYS A 154 12.18 -20.68 -2.28
C LYS A 154 13.42 -20.45 -3.13
N GLU A 155 13.62 -21.34 -4.12
CA GLU A 155 14.83 -21.28 -4.92
C GLU A 155 14.94 -19.97 -5.70
N ASN A 156 13.81 -19.42 -6.15
CA ASN A 156 13.85 -18.19 -6.92
C ASN A 156 14.00 -16.94 -6.05
N GLY A 157 13.92 -17.07 -4.73
CA GLY A 157 14.03 -15.93 -3.83
C GLY A 157 12.72 -15.49 -3.21
N TYR A 158 11.63 -16.20 -3.46
CA TYR A 158 10.35 -15.84 -2.85
C TYR A 158 10.42 -15.95 -1.34
N ARG A 159 9.84 -14.95 -0.66
CA ARG A 159 9.82 -14.92 0.80
C ARG A 159 8.46 -14.44 1.28
N SER A 160 7.87 -15.18 2.22
CA SER A 160 6.57 -14.86 2.82
C SER A 160 6.19 -15.90 3.86
N LEU A 161 5.43 -15.49 4.88
CA LEU A 161 4.89 -16.40 5.86
C LEU A 161 3.47 -16.78 5.45
N HIS A 162 3.22 -18.09 5.30
CA HIS A 162 1.93 -18.62 4.88
C HIS A 162 1.34 -19.42 6.03
N ILE A 163 0.23 -18.95 6.60
CA ILE A 163 -0.52 -19.70 7.59
C ILE A 163 -1.96 -19.82 7.13
N VAL A 164 -2.51 -21.02 7.25
CA VAL A 164 -3.94 -21.26 7.11
C VAL A 164 -4.54 -21.37 8.49
N VAL A 165 -5.58 -20.59 8.76
CA VAL A 165 -6.26 -20.63 10.06
C VAL A 165 -7.74 -20.90 9.83
N SER A 166 -8.38 -21.43 10.86
CA SER A 166 -9.81 -21.70 10.85
C SER A 166 -10.55 -20.57 11.54
N ILE A 167 -11.75 -20.28 11.05
CA ILE A 167 -12.53 -19.14 11.54
C ILE A 167 -14.01 -19.50 11.62
N PRO A 168 -14.69 -19.23 12.75
CA PRO A 168 -16.14 -19.44 12.81
C PRO A 168 -16.88 -18.31 12.10
N VAL A 169 -17.84 -18.68 11.27
CA VAL A 169 -18.66 -17.73 10.53
C VAL A 169 -20.11 -18.03 10.91
N PHE A 170 -20.76 -17.09 11.60
CA PHE A 170 -22.12 -17.28 12.05
C PHE A 170 -23.07 -16.78 10.96
N LEU A 171 -23.71 -17.71 10.26
CA LEU A 171 -24.65 -17.39 9.21
C LEU A 171 -26.06 -17.31 9.79
N ALA A 172 -27.03 -17.05 8.91
CA ALA A 172 -28.41 -16.84 9.36
C ALA A 172 -28.94 -18.06 10.11
N GLU A 173 -28.62 -19.26 9.65
CA GLU A 173 -29.26 -20.46 10.18
C GLU A 173 -28.25 -21.58 10.47
N ARG A 174 -26.97 -21.27 10.56
CA ARG A 174 -25.92 -22.28 10.55
C ARG A 174 -24.60 -21.63 10.92
N VAL A 175 -23.70 -22.43 11.50
CA VAL A 175 -22.33 -22.02 11.76
C VAL A 175 -21.42 -22.78 10.81
N GLU A 176 -20.39 -22.08 10.31
CA GLU A 176 -19.38 -22.67 9.44
C GLU A 176 -18.01 -22.29 9.99
N VAL A 177 -17.15 -23.29 10.19
CA VAL A 177 -15.76 -23.06 10.55
C VAL A 177 -14.94 -23.27 9.28
N LEU A 178 -14.37 -22.19 8.76
CA LEU A 178 -13.78 -22.21 7.43
C LEU A 178 -12.31 -21.84 7.47
N PRO A 179 -11.49 -22.47 6.63
CA PRO A 179 -10.07 -22.09 6.56
C PRO A 179 -9.86 -20.83 5.74
N VAL A 180 -8.86 -20.05 6.16
CA VAL A 180 -8.46 -18.84 5.46
C VAL A 180 -6.94 -18.84 5.35
N GLU A 181 -6.42 -18.74 4.14
CA GLU A 181 -4.98 -18.67 3.93
C GLU A 181 -4.50 -17.23 4.10
N ILE A 182 -3.53 -17.03 4.99
CA ILE A 182 -2.97 -15.72 5.27
C ILE A 182 -1.53 -15.68 4.76
N GLN A 183 -1.25 -14.77 3.83
CA GLN A 183 0.10 -14.53 3.36
C GLN A 183 0.61 -13.26 4.02
N ILE A 184 1.50 -13.40 5.00
CA ILE A 184 2.06 -12.27 5.74
C ILE A 184 3.46 -12.01 5.21
N ARG A 185 3.75 -10.74 4.91
CA ARG A 185 5.00 -10.39 4.25
C ARG A 185 5.28 -8.91 4.49
N THR A 186 6.51 -8.51 4.16
CA THR A 186 6.88 -7.11 4.18
C THR A 186 6.47 -6.43 2.87
N ILE A 187 6.62 -5.11 2.83
CA ILE A 187 6.38 -4.37 1.59
C ILE A 187 7.39 -4.80 0.53
N GLY A 188 8.66 -4.91 0.92
CA GLY A 188 9.67 -5.38 -0.02
C GLY A 188 9.37 -6.75 -0.59
N MET A 189 8.94 -7.68 0.29
CA MET A 189 8.54 -8.99 -0.20
C MET A 189 7.37 -8.89 -1.17
N ASP A 190 6.42 -8.00 -0.89
CA ASP A 190 5.29 -7.79 -1.79
C ASP A 190 5.75 -7.21 -3.12
N MET A 191 6.62 -6.20 -3.07
CA MET A 191 7.13 -5.58 -4.29
C MET A 191 7.82 -6.61 -5.18
N TRP A 192 8.64 -7.46 -4.56
CA TRP A 192 9.33 -8.51 -5.31
C TRP A 192 8.35 -9.52 -5.89
N ALA A 193 7.41 -10.00 -5.07
CA ALA A 193 6.48 -11.04 -5.51
C ALA A 193 5.61 -10.56 -6.67
N SER A 194 5.26 -9.27 -6.70
CA SER A 194 4.47 -8.75 -7.80
C SER A 194 5.23 -8.86 -9.11
N LEU A 195 6.50 -8.43 -9.11
CA LEU A 195 7.28 -8.45 -10.34
C LEU A 195 7.53 -9.88 -10.82
N GLU A 196 7.83 -10.79 -9.91
CA GLU A 196 8.08 -12.19 -10.30
C GLU A 196 6.82 -12.82 -10.87
N HIS A 197 5.68 -12.57 -10.23
CA HIS A 197 4.40 -13.05 -10.75
C HIS A 197 4.14 -12.57 -12.17
N LYS A 198 4.60 -11.36 -12.51
CA LYS A 198 4.41 -10.81 -13.85
C LYS A 198 5.54 -11.19 -14.81
N ILE A 199 6.47 -12.05 -14.40
CA ILE A 199 7.37 -12.68 -15.36
C ILE A 199 6.70 -13.90 -15.99
N ARG A 200 6.06 -14.74 -15.17
CA ARG A 200 5.21 -15.77 -15.71
C ARG A 200 3.95 -15.11 -16.29
N TYR A 201 3.13 -15.93 -16.95
CA TYR A 201 1.97 -15.44 -17.69
C TYR A 201 2.40 -14.54 -18.85
N ALA A 205 8.60 -19.82 -20.66
CA ALA A 205 9.97 -19.88 -21.16
C ALA A 205 10.65 -18.52 -21.05
N GLU A 206 10.18 -17.69 -20.13
CA GLU A 206 10.70 -16.34 -19.99
C GLU A 206 11.15 -16.02 -18.57
N THR A 207 11.04 -16.99 -17.64
CA THR A 207 11.52 -16.85 -16.27
C THR A 207 13.03 -17.03 -16.16
N GLU A 208 13.57 -17.93 -16.98
CA GLU A 208 14.98 -18.29 -16.94
C GLU A 208 15.87 -17.06 -17.17
N LYS A 209 15.44 -16.15 -18.04
CA LYS A 209 16.26 -14.96 -18.32
C LYS A 209 16.51 -14.16 -17.04
N TYR A 210 15.44 -13.71 -16.39
CA TYR A 210 15.52 -12.83 -15.24
C TYR A 210 15.68 -13.57 -13.92
N ARG A 211 15.84 -14.91 -13.95
CA ARG A 211 15.93 -15.70 -12.73
C ARG A 211 17.06 -15.19 -11.83
N ASP A 212 18.25 -14.99 -12.41
CA ASP A 212 19.39 -14.52 -11.63
C ASP A 212 19.18 -13.08 -11.16
N LEU A 213 18.70 -12.22 -12.05
CA LEU A 213 18.55 -10.81 -11.73
C LEU A 213 17.42 -10.60 -10.73
N LEU A 214 16.43 -11.51 -10.70
CA LEU A 214 15.43 -11.49 -9.65
C LEU A 214 16.04 -11.90 -8.31
N LYS A 215 16.81 -13.00 -8.31
CA LYS A 215 17.45 -13.47 -7.08
C LYS A 215 18.31 -12.40 -6.45
N GLU A 216 18.90 -11.51 -7.25
CA GLU A 216 19.68 -10.41 -6.69
C GLU A 216 18.76 -9.37 -6.05
N CYS A 217 17.71 -8.97 -6.76
CA CYS A 217 16.72 -8.05 -6.20
C CYS A 217 16.15 -8.57 -4.90
N ALA A 218 15.75 -9.84 -4.88
CA ALA A 218 15.28 -10.45 -3.64
C ALA A 218 16.28 -10.23 -2.52
N THR A 219 17.54 -10.62 -2.75
CA THR A 219 18.57 -10.52 -1.73
C THR A 219 18.73 -9.07 -1.24
N GLU A 220 18.87 -8.11 -2.16
CA GLU A 220 19.12 -6.74 -1.72
C GLU A 220 17.89 -6.11 -1.08
N ILE A 221 16.69 -6.62 -1.38
CA ILE A 221 15.50 -6.19 -0.65
C ILE A 221 15.58 -6.62 0.81
N THR A 222 15.95 -7.88 1.06
CA THR A 222 16.07 -8.34 2.44
C THR A 222 17.12 -7.55 3.19
N GLU A 223 18.20 -7.20 2.51
CA GLU A 223 19.31 -6.53 3.17
C GLU A 223 18.97 -5.09 3.54
N VAL A 224 18.31 -4.37 2.64
CA VAL A 224 17.90 -3.01 2.96
C VAL A 224 16.80 -3.01 4.02
N GLU A 225 15.90 -4.00 3.98
CA GLU A 225 14.83 -4.08 4.96
C GLU A 225 15.35 -4.50 6.33
N ASP A 226 16.36 -5.37 6.37
CA ASP A 226 17.03 -5.66 7.63
C ASP A 226 17.56 -4.39 8.28
N LYS A 227 18.17 -3.50 7.49
CA LYS A 227 18.77 -2.29 8.05
C LYS A 227 17.70 -1.29 8.50
N LEU A 228 16.62 -1.16 7.75
CA LEU A 228 15.51 -0.31 8.19
C LEU A 228 14.87 -0.89 9.45
N GLN A 229 14.77 -2.21 9.51
CA GLN A 229 14.32 -2.88 10.73
C GLN A 229 15.25 -2.55 11.90
N GLN A 230 16.56 -2.67 11.66
CA GLN A 230 17.54 -2.41 12.71
C GLN A 230 17.45 -0.96 13.19
N ILE A 231 17.24 -0.01 12.29
CA ILE A 231 17.06 1.38 12.70
C ILE A 231 15.76 1.56 13.46
N HIS A 232 14.67 0.95 12.96
CA HIS A 232 13.37 1.13 13.60
C HIS A 232 13.34 0.54 14.99
N SER A 233 13.98 -0.62 15.18
CA SER A 233 14.08 -1.21 16.52
C SER A 233 14.73 -0.24 17.50
N GLU A 234 15.84 0.39 17.09
CA GLU A 234 16.64 1.19 18.02
C GLU A 234 15.94 2.48 18.45
N ILE A 235 15.06 3.05 17.61
CA ILE A 235 14.43 4.33 17.95
C ILE A 235 13.13 4.18 18.72
N THR A 236 12.60 2.97 18.88
CA THR A 236 11.33 2.80 19.56
C THR A 236 11.47 2.97 21.07
N ASP B 40 -14.77 34.13 15.00
CA ASP B 40 -14.75 35.01 13.83
C ASP B 40 -13.84 34.47 12.73
N THR B 41 -12.55 34.74 12.87
CA THR B 41 -11.56 34.23 11.92
C THR B 41 -11.63 32.71 11.84
N LEU B 42 -11.87 32.05 12.99
CA LEU B 42 -11.88 30.60 13.03
C LEU B 42 -12.90 30.01 12.06
N LEU B 43 -14.07 30.66 11.96
CA LEU B 43 -15.05 30.33 10.93
C LEU B 43 -14.41 30.29 9.55
N GLY B 44 -13.63 31.32 9.21
CA GLY B 44 -12.94 31.33 7.92
C GLY B 44 -12.08 30.10 7.70
N PHE B 45 -11.38 29.66 8.75
CA PHE B 45 -10.54 28.48 8.62
C PHE B 45 -11.38 27.21 8.52
N VAL B 46 -12.53 27.16 9.19
CA VAL B 46 -13.42 26.01 9.04
C VAL B 46 -13.91 25.92 7.59
N GLU B 47 -14.30 27.06 7.02
CA GLU B 47 -14.62 27.12 5.60
C GLU B 47 -13.47 26.59 4.75
N LEU B 48 -12.24 27.00 5.10
CA LEU B 48 -11.07 26.55 4.36
C LEU B 48 -10.93 25.03 4.39
N ASP B 49 -11.08 24.43 5.57
CA ASP B 49 -10.96 22.98 5.69
C ASP B 49 -12.00 22.27 4.83
N HIS B 50 -13.21 22.83 4.75
CA HIS B 50 -14.30 22.17 4.03
C HIS B 50 -14.04 22.14 2.53
N ILE B 51 -13.69 23.29 1.95
CA ILE B 51 -13.56 23.36 0.49
C ILE B 51 -12.30 22.63 0.01
N TYR B 52 -11.22 22.68 0.80
CA TYR B 52 -10.01 21.96 0.41
C TYR B 52 -10.19 20.46 0.56
N SER B 53 -11.07 20.03 1.48
CA SER B 53 -11.43 18.62 1.53
C SER B 53 -12.15 18.19 0.26
N SER B 54 -13.04 19.05 -0.25
CA SER B 54 -13.74 18.76 -1.49
C SER B 54 -12.78 18.70 -2.66
N ALA B 55 -11.80 19.62 -2.70
CA ALA B 55 -10.77 19.57 -3.73
C ALA B 55 -10.06 18.22 -3.73
N LEU B 56 -9.75 17.69 -2.54
CA LEU B 56 -9.11 16.38 -2.45
C LEU B 56 -9.99 15.28 -3.03
N LYS B 57 -11.31 15.42 -2.95
CA LYS B 57 -12.18 14.40 -3.51
C LYS B 57 -12.13 14.39 -5.03
N GLU B 58 -12.16 15.56 -5.66
CA GLU B 58 -12.16 15.61 -7.13
C GLU B 58 -10.83 15.13 -7.69
N ILE B 59 -9.71 15.55 -7.11
CA ILE B 59 -8.40 15.03 -7.53
C ILE B 59 -8.35 13.52 -7.37
N SER B 60 -8.77 13.00 -6.21
CA SER B 60 -8.67 11.56 -5.97
C SER B 60 -9.47 10.79 -7.01
N THR B 61 -10.63 11.29 -7.40
CA THR B 61 -11.43 10.63 -8.42
C THR B 61 -10.72 10.66 -9.77
N LYS B 62 -10.14 11.81 -10.14
CA LYS B 62 -9.32 11.90 -11.34
C LYS B 62 -8.21 10.86 -11.33
N LEU B 63 -7.41 10.86 -10.26
CA LEU B 63 -6.24 9.99 -10.20
C LEU B 63 -6.62 8.52 -10.29
N SER B 64 -7.68 8.11 -9.58
CA SER B 64 -8.07 6.71 -9.58
C SER B 64 -8.62 6.29 -10.94
N ILE B 65 -9.30 7.20 -11.64
CA ILE B 65 -9.76 6.90 -13.00
C ILE B 65 -8.57 6.71 -13.93
N LEU B 66 -7.57 7.58 -13.84
CA LEU B 66 -6.36 7.42 -14.63
C LEU B 66 -5.68 6.09 -14.35
N ASP B 67 -5.49 5.77 -13.07
CA ASP B 67 -4.92 4.48 -12.70
C ASP B 67 -5.79 3.33 -13.23
N ASP B 68 -7.11 3.46 -13.09
CA ASP B 68 -8.01 2.39 -13.51
C ASP B 68 -7.98 2.21 -15.03
N ASN B 69 -7.91 3.32 -15.78
CA ASN B 69 -7.89 3.21 -17.24
C ASN B 69 -6.55 2.70 -17.75
N PHE B 70 -5.45 3.17 -17.16
CA PHE B 70 -4.14 2.68 -17.59
C PHE B 70 -4.04 1.17 -17.42
N ASN B 71 -4.52 0.64 -16.30
CA ASN B 71 -4.53 -0.81 -16.10
C ASN B 71 -5.45 -1.49 -17.10
N HIS B 72 -6.60 -0.88 -17.40
CA HIS B 72 -7.48 -1.43 -18.43
C HIS B 72 -6.75 -1.60 -19.76
N ILE B 73 -5.97 -0.62 -20.16
CA ILE B 73 -5.32 -0.66 -21.47
C ILE B 73 -4.05 -1.51 -21.43
N TYR B 74 -3.17 -1.25 -20.47
CA TYR B 74 -1.84 -1.84 -20.46
C TYR B 74 -1.64 -2.92 -19.41
N LYS B 75 -2.67 -3.25 -18.64
CA LYS B 75 -2.57 -4.27 -17.59
C LYS B 75 -1.45 -3.96 -16.61
N HIS B 76 -1.36 -2.71 -16.18
CA HIS B 76 -0.46 -2.31 -15.10
C HIS B 76 -1.09 -1.18 -14.31
N ASN B 77 -0.96 -1.25 -12.99
CA ASN B 77 -1.49 -0.22 -12.10
C ASN B 77 -0.35 0.72 -11.70
N PRO B 78 -0.31 1.95 -12.22
CA PRO B 78 0.74 2.88 -11.76
C PRO B 78 0.68 3.19 -10.27
N ILE B 79 -0.52 3.33 -9.72
CA ILE B 79 -0.69 3.75 -8.33
C ILE B 79 -0.72 2.51 -7.43
N HIS B 80 0.12 2.51 -6.39
CA HIS B 80 0.00 1.49 -5.35
C HIS B 80 -1.10 1.86 -4.36
N HIS B 81 -1.00 3.05 -3.77
CA HIS B 81 -2.06 3.57 -2.91
C HIS B 81 -1.91 5.08 -2.82
N MET B 82 -2.89 5.72 -2.19
CA MET B 82 -2.90 7.16 -2.00
C MET B 82 -3.28 7.51 -0.57
N GLU B 83 -2.69 8.59 -0.07
CA GLU B 83 -3.06 9.16 1.21
C GLU B 83 -3.48 10.61 1.03
N ARG B 84 -4.58 10.98 1.67
CA ARG B 84 -5.10 12.34 1.61
C ARG B 84 -4.97 12.99 2.98
N ARG B 85 -4.92 14.32 2.98
CA ARG B 85 -4.79 15.07 4.22
C ARG B 85 -5.08 16.54 3.99
N VAL B 86 -6.00 17.11 4.76
CA VAL B 86 -6.15 18.55 4.84
C VAL B 86 -5.28 19.03 5.99
N LYS B 87 -4.53 20.10 5.76
CA LYS B 87 -3.58 20.57 6.77
C LYS B 87 -4.30 20.83 8.10
N GLU B 88 -3.72 20.34 9.19
CA GLU B 88 -4.20 20.73 10.51
C GLU B 88 -4.07 22.23 10.69
N MET B 89 -5.06 22.86 11.32
CA MET B 89 -5.08 24.31 11.55
C MET B 89 -3.87 24.85 12.33
N ARG B 90 -3.36 24.11 13.32
CA ARG B 90 -2.32 24.62 14.19
C ARG B 90 -0.99 24.57 13.45
N SER B 91 -0.89 23.61 12.56
CA SER B 91 0.21 23.56 11.63
C SER B 91 0.07 24.61 10.55
N LEU B 92 -1.18 24.92 10.17
CA LEU B 92 -1.40 26.01 9.23
C LEU B 92 -1.04 27.35 9.85
N ILE B 93 -1.44 27.56 11.11
CA ILE B 93 -1.10 28.81 11.79
C ILE B 93 0.40 28.88 12.05
N GLU B 94 1.01 27.74 12.41
CA GLU B 94 2.47 27.71 12.59
C GLU B 94 3.19 28.14 11.32
N LYS B 95 2.78 27.57 10.18
CA LYS B 95 3.44 27.89 8.91
C LYS B 95 3.27 29.36 8.55
N LEU B 96 2.06 29.92 8.79
CA LEU B 96 1.84 31.34 8.54
C LEU B 96 2.77 32.21 9.37
N ASN B 97 2.96 31.85 10.64
CA ASN B 97 3.85 32.65 11.50
C ASN B 97 5.30 32.51 11.08
N ARG B 98 5.72 31.30 10.68
CA ARG B 98 7.09 31.11 10.22
C ARG B 98 7.42 31.99 9.02
N LYS B 99 6.42 32.32 8.22
CA LYS B 99 6.59 33.18 7.05
C LYS B 99 6.18 34.62 7.32
N GLY B 100 5.94 34.97 8.58
CA GLY B 100 5.60 36.33 8.95
C GLY B 100 4.33 36.84 8.33
N LEU B 101 3.37 35.96 8.06
CA LEU B 101 2.11 36.33 7.42
C LEU B 101 1.00 36.49 8.45
N GLN B 102 -0.06 37.18 8.02
CA GLN B 102 -1.24 37.36 8.87
C GLN B 102 -1.92 36.02 9.10
N ILE B 103 -2.59 35.91 10.25
CA ILE B 103 -3.32 34.68 10.60
C ILE B 103 -4.77 34.94 10.17
N SER B 104 -5.03 34.65 8.89
CA SER B 104 -6.38 34.77 8.34
C SER B 104 -6.53 33.71 7.26
N ALA B 105 -7.77 33.29 7.04
CA ALA B 105 -8.02 32.24 6.07
C ALA B 105 -7.68 32.68 4.64
N GLU B 106 -7.99 33.93 4.29
CA GLU B 106 -7.73 34.40 2.93
C GLU B 106 -6.24 34.52 2.64
N THR B 107 -5.45 34.89 3.64
CA THR B 107 -3.99 34.90 3.48
C THR B 107 -3.46 33.49 3.29
N ALA B 108 -3.93 32.55 4.12
CA ALA B 108 -3.50 31.15 4.00
C ALA B 108 -3.90 30.60 2.65
N LYS B 109 -5.13 30.89 2.21
CA LYS B 109 -5.57 30.47 0.90
C LYS B 109 -4.62 30.99 -0.18
N GLU B 110 -4.16 32.24 -0.06
CA GLU B 110 -3.16 32.67 -1.03
C GLU B 110 -1.82 31.99 -0.86
N HIS B 111 -1.21 32.13 0.29
CA HIS B 111 0.22 31.88 0.33
C HIS B 111 0.58 30.44 0.61
N ILE B 112 -0.35 29.64 1.15
CA ILE B 112 -0.07 28.26 1.50
C ILE B 112 -0.69 27.37 0.43
N LEU B 113 0.15 26.62 -0.29
CA LEU B 113 -0.32 25.78 -1.40
C LEU B 113 -0.49 24.32 -1.01
N ASP B 114 -0.09 23.92 0.19
CA ASP B 114 -0.24 22.55 0.66
C ASP B 114 -1.30 22.41 1.74
N ILE B 115 -2.35 23.24 1.70
CA ILE B 115 -3.49 23.04 2.59
C ILE B 115 -4.16 21.71 2.31
N ALA B 116 -4.44 21.45 1.04
CA ALA B 116 -4.85 20.13 0.58
C ALA B 116 -3.63 19.38 0.06
N GLY B 117 -3.39 18.21 0.61
CA GLY B 117 -2.30 17.36 0.15
C GLY B 117 -2.76 15.97 -0.16
N ILE B 118 -2.29 15.45 -1.30
CA ILE B 118 -2.48 14.05 -1.66
C ILE B 118 -1.12 13.46 -2.00
N ARG B 119 -0.93 12.20 -1.62
CA ARG B 119 0.34 11.49 -1.83
C ARG B 119 0.06 10.27 -2.70
N VAL B 120 0.70 10.22 -3.87
CA VAL B 120 0.48 9.15 -4.83
C VAL B 120 1.71 8.24 -4.76
N VAL B 121 1.56 7.10 -4.10
CA VAL B 121 2.64 6.13 -3.97
C VAL B 121 2.53 5.18 -5.16
N CYS B 122 3.57 5.13 -5.98
CA CYS B 122 3.55 4.39 -7.23
C CYS B 122 4.40 3.13 -7.13
N ASN B 123 4.12 2.18 -8.03
CA ASN B 123 4.75 0.86 -7.97
C ASN B 123 6.17 0.88 -8.52
N TYR B 124 6.44 1.69 -9.54
CA TYR B 124 7.76 1.75 -10.16
C TYR B 124 8.14 3.21 -10.39
N LEU B 125 9.43 3.43 -10.59
CA LEU B 125 9.94 4.79 -10.66
C LEU B 125 9.33 5.56 -11.83
N ASP B 126 9.18 4.90 -12.98
CA ASP B 126 8.62 5.58 -14.15
C ASP B 126 7.14 5.86 -14.01
N ASP B 127 6.42 5.10 -13.17
CA ASP B 127 5.02 5.39 -12.91
C ASP B 127 4.83 6.81 -12.38
N ILE B 128 5.82 7.33 -11.66
CA ILE B 128 5.72 8.68 -11.10
C ILE B 128 5.49 9.69 -12.20
N TYR B 129 6.37 9.70 -13.20
CA TYR B 129 6.27 10.68 -14.29
C TYR B 129 5.11 10.35 -15.22
N LEU B 130 4.68 9.09 -15.28
CA LEU B 130 3.49 8.74 -16.02
C LEU B 130 2.25 9.39 -15.40
N ILE B 131 2.13 9.33 -14.08
CA ILE B 131 1.02 10.00 -13.39
C ILE B 131 1.05 11.49 -13.65
N GLU B 132 2.24 12.09 -13.56
CA GLU B 132 2.37 13.53 -13.82
C GLU B 132 1.88 13.88 -15.21
N GLU B 133 2.37 13.15 -16.22
CA GLU B 133 1.95 13.43 -17.59
C GLU B 133 0.45 13.28 -17.76
N MET B 134 -0.11 12.18 -17.26
CA MET B 134 -1.53 11.91 -17.44
C MET B 134 -2.40 12.99 -16.82
N LEU B 135 -2.01 13.51 -15.65
CA LEU B 135 -2.85 14.48 -14.96
C LEU B 135 -2.72 15.89 -15.55
N LEU B 136 -1.51 16.31 -15.90
CA LEU B 136 -1.33 17.66 -16.41
C LEU B 136 -1.95 17.83 -17.80
N LYS B 137 -2.01 16.75 -18.58
CA LYS B 137 -2.67 16.79 -19.88
C LYS B 137 -4.16 17.08 -19.79
N GLN B 138 -4.76 17.02 -18.61
CA GLN B 138 -6.19 17.28 -18.47
C GLN B 138 -6.46 18.78 -18.54
N GLU B 139 -7.56 19.12 -19.24
CA GLU B 139 -7.86 20.52 -19.55
C GLU B 139 -7.99 21.38 -18.31
N ASP B 140 -8.69 20.89 -17.28
CA ASP B 140 -9.00 21.70 -16.11
C ASP B 140 -7.99 21.55 -14.98
N VAL B 141 -6.83 20.94 -15.25
CA VAL B 141 -5.75 20.84 -14.30
C VAL B 141 -4.64 21.79 -14.74
N GLN B 142 -4.25 22.71 -13.85
CA GLN B 142 -3.22 23.71 -14.12
C GLN B 142 -2.04 23.51 -13.18
N LEU B 143 -0.84 23.39 -13.75
CA LEU B 143 0.38 23.35 -12.95
C LEU B 143 0.64 24.70 -12.30
N ILE B 144 1.09 24.67 -11.04
CA ILE B 144 1.37 25.87 -10.27
C ILE B 144 2.81 25.93 -9.78
N LYS B 145 3.36 24.80 -9.32
CA LYS B 145 4.71 24.65 -8.75
C LYS B 145 5.21 23.27 -9.11
N ARG B 146 6.49 23.14 -9.43
CA ARG B 146 7.05 21.81 -9.61
C ARG B 146 8.42 21.77 -8.97
N LYS B 147 8.64 20.79 -8.09
CA LYS B 147 9.94 20.56 -7.47
C LYS B 147 10.20 19.07 -7.50
N ASP B 148 11.25 18.67 -8.22
CA ASP B 148 11.55 17.27 -8.48
C ASP B 148 12.71 16.85 -7.59
N TYR B 149 12.39 16.32 -6.41
CA TYR B 149 13.41 15.82 -5.50
C TYR B 149 13.91 14.42 -5.85
N ILE B 150 13.38 13.76 -6.88
CA ILE B 150 13.98 12.51 -7.31
C ILE B 150 15.34 12.76 -7.97
N GLN B 151 15.38 13.63 -8.99
CA GLN B 151 16.63 14.00 -9.67
C GLN B 151 17.53 14.93 -8.85
N HIS B 152 16.98 15.80 -7.98
CA HIS B 152 17.81 16.65 -7.12
C HIS B 152 17.41 16.38 -5.67
N PRO B 153 17.82 15.22 -5.15
CA PRO B 153 17.46 14.82 -3.79
C PRO B 153 17.94 15.83 -2.76
N LYS B 154 17.23 15.87 -1.64
CA LYS B 154 17.65 16.71 -0.55
C LYS B 154 18.93 16.15 0.07
N GLU B 155 19.53 16.95 0.96
CA GLU B 155 20.81 16.57 1.54
C GLU B 155 20.70 15.25 2.30
N ASN B 156 19.58 15.03 2.98
CA ASN B 156 19.39 13.82 3.78
C ASN B 156 19.00 12.59 2.97
N GLY B 157 18.73 12.74 1.67
CA GLY B 157 18.35 11.61 0.84
C GLY B 157 16.89 11.53 0.48
N TYR B 158 16.08 12.52 0.87
CA TYR B 158 14.67 12.52 0.53
C TYR B 158 14.47 12.60 -0.97
N ARG B 159 13.53 11.80 -1.49
CA ARG B 159 13.21 11.81 -2.90
C ARG B 159 11.70 11.71 -3.08
N SER B 160 11.17 12.60 -3.93
CA SER B 160 9.74 12.66 -4.25
C SER B 160 9.49 13.75 -5.27
N LEU B 161 8.48 13.58 -6.12
CA LEU B 161 8.07 14.59 -7.07
C LEU B 161 6.93 15.39 -6.46
N HIS B 162 7.11 16.71 -6.37
CA HIS B 162 6.13 17.60 -5.77
C HIS B 162 5.58 18.52 -6.85
N ILE B 163 4.29 18.38 -7.16
CA ILE B 163 3.60 19.29 -8.05
C ILE B 163 2.38 19.84 -7.33
N VAL B 164 2.19 21.15 -7.44
CA VAL B 164 0.94 21.80 -7.03
C VAL B 164 0.12 22.07 -8.27
N VAL B 165 -1.13 21.61 -8.27
CA VAL B 165 -2.03 21.83 -9.39
C VAL B 165 -3.30 22.50 -8.87
N SER B 166 -3.98 23.20 -9.78
CA SER B 166 -5.26 23.84 -9.49
C SER B 166 -6.40 22.96 -9.97
N ILE B 167 -7.50 23.00 -9.23
CA ILE B 167 -8.64 22.13 -9.50
C ILE B 167 -9.94 22.89 -9.29
N PRO B 168 -10.89 22.82 -10.22
CA PRO B 168 -12.19 23.47 -9.99
C PRO B 168 -13.05 22.61 -9.08
N VAL B 169 -13.66 23.25 -8.09
CA VAL B 169 -14.54 22.59 -7.12
C VAL B 169 -15.89 23.27 -7.21
N PHE B 170 -16.90 22.54 -7.67
CA PHE B 170 -18.24 23.10 -7.82
C PHE B 170 -19.01 22.90 -6.52
N LEU B 171 -19.20 24.00 -5.78
CA LEU B 171 -19.91 23.97 -4.51
C LEU B 171 -21.39 24.26 -4.74
N ALA B 172 -22.16 24.30 -3.66
CA ALA B 172 -23.60 24.46 -3.76
C ALA B 172 -23.99 25.73 -4.51
N GLU B 173 -23.26 26.83 -4.27
CA GLU B 173 -23.69 28.13 -4.80
C GLU B 173 -22.53 28.92 -5.40
N ARG B 174 -21.41 28.27 -5.71
CA ARG B 174 -20.17 28.97 -6.01
C ARG B 174 -19.17 27.96 -6.57
N VAL B 175 -18.24 28.47 -7.39
CA VAL B 175 -17.11 27.68 -7.88
C VAL B 175 -15.84 28.16 -7.20
N GLU B 176 -14.96 27.21 -6.87
CA GLU B 176 -13.66 27.50 -6.27
C GLU B 176 -12.59 26.75 -7.04
N VAL B 177 -11.56 27.46 -7.47
CA VAL B 177 -10.38 26.85 -8.08
C VAL B 177 -9.29 26.83 -7.02
N LEU B 178 -8.93 25.64 -6.54
CA LEU B 178 -8.09 25.51 -5.37
C LEU B 178 -6.81 24.74 -5.67
N PRO B 179 -5.70 25.13 -5.06
CA PRO B 179 -4.44 24.38 -5.26
C PRO B 179 -4.40 23.12 -4.39
N VAL B 180 -3.78 22.08 -4.93
CA VAL B 180 -3.57 20.82 -4.24
C VAL B 180 -2.14 20.38 -4.45
N GLU B 181 -1.42 20.14 -3.36
CA GLU B 181 -0.05 19.65 -3.46
C GLU B 181 -0.07 18.13 -3.61
N ILE B 182 0.58 17.64 -4.66
CA ILE B 182 0.65 16.21 -4.96
C ILE B 182 2.08 15.75 -4.76
N GLN B 183 2.28 14.81 -3.83
CA GLN B 183 3.57 14.17 -3.62
C GLN B 183 3.55 12.80 -4.27
N ILE B 184 4.24 12.67 -5.41
CA ILE B 184 4.29 11.43 -6.17
C ILE B 184 5.62 10.75 -5.89
N ARG B 185 5.59 9.46 -5.59
CA ARG B 185 6.79 8.75 -5.17
C ARG B 185 6.58 7.26 -5.37
N THR B 186 7.68 6.52 -5.26
CA THR B 186 7.63 5.07 -5.27
C THR B 186 7.33 4.54 -3.86
N ILE B 187 7.11 3.24 -3.78
CA ILE B 187 6.94 2.63 -2.46
C ILE B 187 8.22 2.75 -1.65
N GLY B 188 9.37 2.45 -2.27
CA GLY B 188 10.64 2.58 -1.59
C GLY B 188 10.87 3.98 -1.04
N MET B 189 10.55 5.00 -1.84
CA MET B 189 10.65 6.37 -1.36
C MET B 189 9.71 6.60 -0.17
N ASP B 190 8.52 6.00 -0.22
CA ASP B 190 7.56 6.18 0.87
C ASP B 190 8.06 5.54 2.16
N MET B 191 8.52 4.28 2.09
CA MET B 191 9.00 3.62 3.31
C MET B 191 10.18 4.37 3.92
N TRP B 192 11.08 4.87 3.09
CA TRP B 192 12.19 5.70 3.58
C TRP B 192 11.65 6.94 4.28
N ALA B 193 10.72 7.64 3.63
CA ALA B 193 10.20 8.88 4.21
C ALA B 193 9.47 8.62 5.52
N SER B 194 8.81 7.47 5.65
CA SER B 194 8.14 7.13 6.89
C SER B 194 9.13 6.98 8.03
N LEU B 195 10.20 6.21 7.82
CA LEU B 195 11.18 5.97 8.87
C LEU B 195 11.87 7.27 9.26
N GLU B 196 12.22 8.09 8.28
CA GLU B 196 12.91 9.34 8.54
C GLU B 196 12.01 10.32 9.31
N HIS B 197 10.74 10.42 8.91
CA HIS B 197 9.80 11.29 9.60
C HIS B 197 9.68 10.95 11.09
N LYS B 198 9.52 9.67 11.42
CA LYS B 198 9.45 9.29 12.82
C LYS B 198 10.81 8.80 13.31
CA ILE B 199 13.66 10.48 13.94
C ILE B 199 13.37 11.95 14.21
N ARG B 200 13.05 12.71 13.17
CA ARG B 200 12.64 14.10 13.33
C ARG B 200 11.34 14.20 14.14
N ALA B 205 16.42 16.14 18.55
CA ALA B 205 17.87 16.16 18.47
C ALA B 205 18.46 14.78 18.22
N GLU B 206 17.71 13.96 17.49
CA GLU B 206 18.09 12.57 17.24
C GLU B 206 18.22 12.27 15.75
N THR B 207 18.22 13.31 14.93
CA THR B 207 18.41 13.16 13.50
C THR B 207 19.87 12.89 13.13
N GLU B 208 20.80 13.55 13.82
CA GLU B 208 22.21 13.50 13.47
C GLU B 208 22.80 12.09 13.56
N LYS B 209 22.35 11.29 14.52
CA LYS B 209 22.87 9.92 14.68
C LYS B 209 22.67 9.11 13.41
N TYR B 210 21.42 8.92 13.01
CA TYR B 210 21.07 8.05 11.88
C TYR B 210 21.12 8.79 10.55
N ARG B 211 21.49 10.07 10.54
CA ARG B 211 21.49 10.83 9.29
C ARG B 211 22.34 10.15 8.23
N ASP B 212 23.53 9.67 8.61
CA ASP B 212 24.39 9.04 7.61
C ASP B 212 23.84 7.74 7.07
N LEU B 213 23.44 6.79 7.92
CA LEU B 213 22.99 5.54 7.31
C LEU B 213 21.56 5.63 6.81
N LEU B 214 20.83 6.69 7.14
CA LEU B 214 19.56 6.89 6.44
C LEU B 214 19.84 7.18 4.98
N LYS B 215 20.74 8.13 4.73
CA LYS B 215 21.16 8.38 3.37
C LYS B 215 21.75 7.13 2.74
N GLU B 216 22.33 6.23 3.57
CA GLU B 216 22.89 5.02 3.00
C GLU B 216 21.74 4.16 2.48
N CYS B 217 20.71 3.99 3.31
CA CYS B 217 19.48 3.27 2.93
C CYS B 217 18.82 3.90 1.72
N ALA B 218 18.66 5.23 1.75
CA ALA B 218 18.07 5.94 0.62
C ALA B 218 18.73 5.50 -0.68
N THR B 219 20.06 5.58 -0.74
CA THR B 219 20.79 5.21 -1.95
C THR B 219 20.48 3.79 -2.40
N GLU B 220 20.59 2.82 -1.49
CA GLU B 220 20.38 1.43 -1.90
C GLU B 220 18.92 1.12 -2.20
N ILE B 221 17.98 1.91 -1.66
CA ILE B 221 16.59 1.78 -2.10
C ILE B 221 16.46 2.17 -3.57
N THR B 222 17.07 3.29 -3.96
CA THR B 222 16.99 3.72 -5.36
C THR B 222 17.64 2.67 -6.28
N GLU B 223 18.73 2.05 -5.83
CA GLU B 223 19.43 1.10 -6.68
C GLU B 223 18.62 -0.17 -6.89
N VAL B 224 17.97 -0.68 -5.84
CA VAL B 224 17.15 -1.88 -6.02
C VAL B 224 15.90 -1.55 -6.84
N GLU B 225 15.35 -0.34 -6.65
CA GLU B 225 14.15 0.04 -7.41
C GLU B 225 14.49 0.30 -8.88
N ASP B 226 15.68 0.84 -9.14
CA ASP B 226 16.16 0.92 -10.52
C ASP B 226 16.19 -0.46 -11.17
N LYS B 227 16.68 -1.46 -10.44
CA LYS B 227 16.80 -2.80 -11.01
C LYS B 227 15.43 -3.42 -11.25
N LEU B 228 14.47 -3.20 -10.34
CA LEU B 228 13.12 -3.67 -10.58
C LEU B 228 12.48 -2.95 -11.76
N GLN B 229 12.74 -1.65 -11.90
CA GLN B 229 12.24 -0.89 -13.03
C GLN B 229 12.77 -1.44 -14.35
N GLN B 230 14.09 -1.66 -14.44
CA GLN B 230 14.65 -2.16 -15.69
C GLN B 230 14.06 -3.51 -16.07
N ILE B 231 13.81 -4.37 -15.07
CA ILE B 231 13.15 -5.64 -15.35
C ILE B 231 11.71 -5.39 -15.79
N HIS B 232 11.00 -4.51 -15.10
CA HIS B 232 9.61 -4.25 -15.43
C HIS B 232 9.46 -3.57 -16.79
N SER B 233 10.38 -2.65 -17.11
CA SER B 233 10.39 -2.04 -18.44
C SER B 233 10.49 -3.13 -19.51
N GLU B 234 11.39 -4.08 -19.30
CA GLU B 234 11.64 -5.10 -20.32
C GLU B 234 10.49 -6.09 -20.46
N ILE B 235 9.66 -6.31 -19.45
CA ILE B 235 8.59 -7.28 -19.64
C ILE B 235 7.35 -6.67 -20.28
N THR B 236 7.21 -5.35 -20.23
CA THR B 236 6.07 -4.69 -20.85
C THR B 236 6.34 -4.44 -22.33
#